data_9VIS
#
_entry.id   9VIS
#
_cell.length_a   89.729
_cell.length_b   89.729
_cell.length_c   89.729
_cell.angle_alpha   90.00
_cell.angle_beta   90.00
_cell.angle_gamma   90.00
#
_symmetry.space_group_name_H-M   'P 2 3'
#
loop_
_entity.id
_entity.type
_entity.pdbx_description
1 polymer 'Adenosylcobinamide kinase'
2 non-polymer adenosylcobinamide-GDP
3 non-polymer GLYCEROL
4 water water
#
_entity_poly.entity_id   1
_entity_poly.type   'polypeptide(L)'
_entity_poly.pdbx_seq_one_letter_code
;MGSSHHHHHHSSGLVPRGSHMTLVLGGIRSGKSQYAEQIAAGFGKKILYVATAEVWPGAGSMEYRVRKHQERRPKSWLTL
ECPRHVASAVGESGLLDQVDGVILECVTLLSSNTLYAQKDPTDYEPFQEALIEEIEALKKLIRQSPVPWVLVSSETGMGI
SQSDAETRHYCDGLGIANQLLAKSADEVYFMVAGLPLTVKKG
;
_entity_poly.pdbx_strand_id   A
#
# COMPACT_ATOMS: atom_id res chain seq x y z
N GLY A 18 -2.23 -14.03 -14.03
CA GLY A 18 -3.28 -13.41 -14.81
C GLY A 18 -4.16 -12.48 -14.01
N SER A 19 -3.86 -12.36 -12.71
CA SER A 19 -4.60 -11.48 -11.83
C SER A 19 -4.26 -10.03 -12.11
N HIS A 20 -5.26 -9.22 -12.43
CA HIS A 20 -4.98 -7.82 -12.75
C HIS A 20 -4.68 -7.00 -11.50
N MET A 21 -5.38 -7.27 -10.40
CA MET A 21 -5.15 -6.56 -9.14
C MET A 21 -5.13 -7.56 -7.99
N THR A 22 -4.04 -7.53 -7.23
CA THR A 22 -3.86 -8.42 -6.08
C THR A 22 -3.59 -7.60 -4.84
N LEU A 23 -4.26 -7.95 -3.75
CA LEU A 23 -4.02 -7.36 -2.44
C LEU A 23 -3.37 -8.40 -1.54
N VAL A 24 -2.25 -8.04 -0.93
CA VAL A 24 -1.52 -8.90 -0.01
C VAL A 24 -1.52 -8.19 1.33
N LEU A 25 -2.14 -8.78 2.34
CA LEU A 25 -2.12 -8.15 3.65
C LEU A 25 -1.77 -9.17 4.72
N GLY A 26 -1.36 -8.66 5.87
CA GLY A 26 -0.89 -9.49 6.95
C GLY A 26 -0.34 -8.61 8.05
N GLY A 27 0.12 -9.27 9.11
CA GLY A 27 0.61 -8.56 10.27
C GLY A 27 2.05 -8.10 10.10
N ILE A 28 2.57 -7.55 11.21
CA ILE A 28 3.99 -7.22 11.30
C ILE A 28 4.82 -8.48 11.10
N ARG A 29 5.85 -8.37 10.26
CA ARG A 29 6.76 -9.48 9.95
C ARG A 29 6.00 -10.76 9.62
N SER A 30 5.12 -10.66 8.63
CA SER A 30 4.30 -11.77 8.18
C SER A 30 4.74 -12.28 6.81
N GLY A 31 5.80 -11.73 6.23
CA GLY A 31 6.26 -12.12 4.92
C GLY A 31 5.49 -11.50 3.78
N LYS A 32 4.72 -10.44 4.04
CA LYS A 32 3.84 -9.93 2.99
C LYS A 32 4.61 -9.19 1.91
N SER A 33 5.68 -8.48 2.27
CA SER A 33 6.47 -7.78 1.26
C SER A 33 7.16 -8.76 0.33
N GLN A 34 7.78 -9.80 0.90
CA GLN A 34 8.44 -10.81 0.08
C GLN A 34 7.45 -11.49 -0.86
N TYR A 35 6.26 -11.83 -0.36
CA TYR A 35 5.29 -12.51 -1.20
C TYR A 35 4.80 -11.58 -2.31
N ALA A 36 4.51 -10.33 -1.99
CA ALA A 36 4.10 -9.37 -3.00
C ALA A 36 5.17 -9.18 -4.06
N GLU A 37 6.44 -9.13 -3.64
CA GLU A 37 7.52 -8.97 -4.61
C GLU A 37 7.64 -10.19 -5.51
N GLN A 38 7.41 -11.39 -4.98
CA GLN A 38 7.37 -12.57 -5.85
C GLN A 38 6.26 -12.45 -6.88
N ILE A 39 5.06 -12.06 -6.44
CA ILE A 39 3.95 -11.85 -7.38
C ILE A 39 4.34 -10.85 -8.45
N ALA A 40 4.92 -9.72 -8.04
CA ALA A 40 5.30 -8.69 -9.01
C ALA A 40 6.35 -9.19 -10.00
N ALA A 41 7.34 -9.93 -9.52
CA ALA A 41 8.31 -10.53 -10.42
C ALA A 41 7.64 -11.43 -11.44
N GLY A 42 6.53 -12.06 -11.05
CA GLY A 42 5.73 -12.82 -12.00
C GLY A 42 5.13 -11.98 -13.12
N PHE A 43 5.06 -10.66 -12.96
CA PHE A 43 4.48 -9.79 -13.98
C PHE A 43 5.42 -9.60 -15.16
N GLY A 44 6.72 -9.57 -14.90
CA GLY A 44 7.70 -9.25 -15.93
C GLY A 44 8.97 -8.75 -15.29
N LYS A 45 9.95 -8.42 -16.15
CA LYS A 45 11.26 -8.00 -15.67
C LYS A 45 11.25 -6.58 -15.12
N LYS A 46 10.41 -5.71 -15.66
CA LYS A 46 10.45 -4.29 -15.37
C LYS A 46 9.23 -3.93 -14.51
N ILE A 47 9.45 -3.73 -13.22
CA ILE A 47 8.39 -3.47 -12.27
C ILE A 47 8.54 -2.06 -11.73
N LEU A 48 7.42 -1.35 -11.59
CA LEU A 48 7.38 -0.06 -10.94
C LEU A 48 7.10 -0.26 -9.46
N TYR A 49 8.05 0.12 -8.61
CA TYR A 49 7.89 0.04 -7.16
C TYR A 49 7.43 1.41 -6.66
N VAL A 50 6.19 1.50 -6.20
CA VAL A 50 5.63 2.76 -5.73
C VAL A 50 5.76 2.77 -4.20
N ALA A 51 6.61 3.64 -3.68
CA ALA A 51 6.98 3.66 -2.27
C ALA A 51 6.32 4.85 -1.58
N THR A 52 5.55 4.59 -0.52
CA THR A 52 4.80 5.64 0.14
C THR A 52 5.42 6.11 1.45
N ALA A 53 6.48 5.44 1.93
CA ALA A 53 7.13 5.86 3.17
C ALA A 53 8.00 7.07 2.93
N GLU A 54 7.93 8.03 3.84
CA GLU A 54 8.87 9.14 3.87
C GLU A 54 10.02 8.84 4.82
N VAL A 55 11.23 9.15 4.39
CA VAL A 55 12.42 8.95 5.21
C VAL A 55 12.64 10.22 6.03
N TRP A 56 12.46 10.13 7.33
CA TRP A 56 12.61 11.25 8.24
C TRP A 56 14.07 11.40 8.68
N PRO A 57 14.48 12.61 9.03
CA PRO A 57 15.73 12.78 9.77
C PRO A 57 15.52 12.60 11.26
N GLY A 58 16.55 12.07 11.91
CA GLY A 58 16.53 11.91 13.35
C GLY A 58 16.06 10.55 13.80
N ALA A 59 15.64 10.51 15.07
CA ALA A 59 15.21 9.26 15.69
C ALA A 59 13.89 8.78 15.09
N GLY A 60 13.72 7.46 15.05
CA GLY A 60 12.54 6.88 14.45
C GLY A 60 12.54 6.87 12.94
N SER A 61 13.66 7.23 12.31
CA SER A 61 13.74 7.22 10.86
C SER A 61 13.69 5.81 10.32
N MET A 62 13.05 5.67 9.15
CA MET A 62 13.02 4.40 8.44
C MET A 62 14.17 4.28 7.44
N GLU A 63 15.22 5.09 7.59
CA GLU A 63 16.25 5.21 6.57
C GLU A 63 16.99 3.89 6.35
N TYR A 64 17.32 3.19 7.43
CA TYR A 64 18.12 1.97 7.29
C TYR A 64 17.36 0.88 6.53
N ARG A 65 16.13 0.60 6.96
CA ARG A 65 15.30 -0.38 6.28
C ARG A 65 15.10 0.00 4.81
N VAL A 66 14.85 1.29 4.54
CA VAL A 66 14.59 1.73 3.18
C VAL A 66 15.83 1.57 2.31
N ARG A 67 17.00 1.91 2.86
CA ARG A 67 18.24 1.75 2.09
C ARG A 67 18.50 0.29 1.76
N LYS A 68 18.26 -0.61 2.72
CA LYS A 68 18.48 -2.02 2.43
C LYS A 68 17.48 -2.54 1.40
N HIS A 69 16.23 -2.07 1.48
CA HIS A 69 15.24 -2.38 0.45
C HIS A 69 15.72 -1.95 -0.93
N GLN A 70 16.23 -0.72 -1.03
CA GLN A 70 16.69 -0.22 -2.32
C GLN A 70 17.89 -1.01 -2.83
N GLU A 71 18.80 -1.39 -1.93
CA GLU A 71 19.97 -2.16 -2.32
C GLU A 71 19.57 -3.52 -2.88
N ARG A 72 18.60 -4.19 -2.26
CA ARG A 72 18.21 -5.51 -2.73
C ARG A 72 17.32 -5.48 -3.96
N ARG A 73 16.82 -4.30 -4.35
CA ARG A 73 15.86 -4.21 -5.44
C ARG A 73 16.51 -4.60 -6.77
N PRO A 74 15.83 -5.40 -7.59
CA PRO A 74 16.38 -5.73 -8.92
C PRO A 74 16.65 -4.47 -9.73
N LYS A 75 17.72 -4.53 -10.54
CA LYS A 75 18.19 -3.33 -11.22
C LYS A 75 17.27 -2.88 -12.35
N SER A 76 16.43 -3.76 -12.87
CA SER A 76 15.52 -3.34 -13.93
C SER A 76 14.24 -2.70 -13.41
N TRP A 77 14.02 -2.70 -12.10
CA TRP A 77 12.83 -2.08 -11.54
C TRP A 77 13.00 -0.56 -11.43
N LEU A 78 11.88 0.14 -11.52
CA LEU A 78 11.83 1.59 -11.34
C LEU A 78 11.20 1.89 -9.99
N THR A 79 11.65 2.96 -9.35
CA THR A 79 11.13 3.36 -8.05
C THR A 79 10.53 4.75 -8.15
N LEU A 80 9.30 4.90 -7.68
CA LEU A 80 8.61 6.17 -7.58
C LEU A 80 8.22 6.38 -6.12
N GLU A 81 8.72 7.47 -5.53
CA GLU A 81 8.44 7.78 -4.14
C GLU A 81 7.33 8.82 -4.09
N CYS A 82 6.14 8.41 -3.67
CA CYS A 82 5.06 9.37 -3.47
C CYS A 82 4.28 9.02 -2.21
N PRO A 83 4.45 9.82 -1.16
CA PRO A 83 3.77 9.53 0.10
C PRO A 83 2.29 9.86 0.08
N ARG A 84 1.86 10.75 -0.82
CA ARG A 84 0.46 11.17 -0.88
C ARG A 84 0.07 11.41 -2.33
N HIS A 85 -1.25 11.46 -2.55
CA HIS A 85 -1.82 11.65 -3.89
C HIS A 85 -1.23 10.64 -4.87
N VAL A 86 -1.29 9.37 -4.46
CA VAL A 86 -0.50 8.32 -5.09
C VAL A 86 -1.00 8.06 -6.51
N ALA A 87 -2.31 7.92 -6.70
CA ALA A 87 -2.83 7.69 -8.03
C ALA A 87 -2.47 8.82 -8.97
N SER A 88 -2.62 10.07 -8.51
CA SER A 88 -2.24 11.22 -9.30
C SER A 88 -0.76 11.16 -9.72
N ALA A 89 0.11 10.89 -8.75
CA ALA A 89 1.55 10.91 -9.03
C ALA A 89 1.95 9.79 -9.98
N VAL A 90 1.43 8.57 -9.76
CA VAL A 90 1.72 7.45 -10.65
C VAL A 90 1.22 7.75 -12.05
N GLY A 91 -0.03 8.22 -12.15
CA GLY A 91 -0.62 8.47 -13.46
C GLY A 91 0.13 9.54 -14.24
N GLU A 92 0.48 10.64 -13.57
CA GLU A 92 1.16 11.72 -14.28
C GLU A 92 2.63 11.41 -14.56
N SER A 93 3.22 10.42 -13.88
CA SER A 93 4.57 10.00 -14.23
C SER A 93 4.65 9.33 -15.60
N GLY A 94 3.54 8.83 -16.12
CA GLY A 94 3.53 8.09 -17.37
C GLY A 94 4.20 6.73 -17.34
N LEU A 95 4.66 6.28 -16.17
CA LEU A 95 5.45 5.05 -16.11
C LEU A 95 4.63 3.79 -16.33
N LEU A 96 3.31 3.85 -16.17
CA LEU A 96 2.50 2.66 -16.38
C LEU A 96 2.63 2.15 -17.81
N ASP A 97 2.95 3.03 -18.75
CA ASP A 97 3.15 2.62 -20.13
C ASP A 97 4.55 2.10 -20.39
N GLN A 98 5.45 2.16 -19.41
CA GLN A 98 6.84 1.79 -19.59
CA GLN A 98 6.85 1.79 -19.59
C GLN A 98 7.26 0.57 -18.77
N VAL A 99 6.33 -0.08 -18.07
CA VAL A 99 6.67 -1.18 -17.19
C VAL A 99 5.77 -2.37 -17.50
N ASP A 100 6.06 -3.49 -16.82
CA ASP A 100 5.28 -4.72 -16.92
C ASP A 100 4.27 -4.88 -15.80
N GLY A 101 4.43 -4.14 -14.70
CA GLY A 101 3.53 -4.26 -13.58
C GLY A 101 3.99 -3.35 -12.47
N VAL A 102 3.17 -3.28 -11.42
CA VAL A 102 3.35 -2.33 -10.33
C VAL A 102 3.24 -3.04 -8.99
N ILE A 103 4.05 -2.62 -8.03
CA ILE A 103 3.87 -3.02 -6.63
C ILE A 103 3.76 -1.74 -5.79
N LEU A 104 2.68 -1.64 -5.01
CA LEU A 104 2.46 -0.50 -4.14
C LEU A 104 2.83 -0.91 -2.72
N GLU A 105 3.83 -0.23 -2.16
CA GLU A 105 4.35 -0.48 -0.82
C GLU A 105 4.41 0.85 -0.09
N CYS A 106 3.43 1.14 0.77
CA CYS A 106 2.30 0.30 1.17
C CYS A 106 1.12 1.13 1.65
N VAL A 107 -0.04 0.48 1.78
CA VAL A 107 -1.26 1.18 2.17
C VAL A 107 -1.19 1.62 3.63
N THR A 108 -0.49 0.86 4.47
CA THR A 108 -0.31 1.23 5.88
C THR A 108 0.29 2.62 6.01
N LEU A 109 1.38 2.88 5.29
CA LEU A 109 2.01 4.19 5.38
C LEU A 109 1.23 5.25 4.62
N LEU A 110 0.56 4.89 3.52
CA LEU A 110 -0.33 5.86 2.88
C LEU A 110 -1.39 6.35 3.86
N SER A 111 -1.96 5.44 4.63
CA SER A 111 -2.96 5.81 5.63
C SER A 111 -2.36 6.67 6.72
N SER A 112 -1.15 6.33 7.20
CA SER A 112 -0.51 7.15 8.21
CA SER A 112 -0.53 7.16 8.22
C SER A 112 -0.21 8.55 7.68
N ASN A 113 0.33 8.63 6.46
CA ASN A 113 0.63 9.94 5.86
C ASN A 113 -0.63 10.77 5.75
N THR A 114 -1.75 10.14 5.40
CA THR A 114 -3.01 10.85 5.28
C THR A 114 -3.51 11.33 6.64
N LEU A 115 -3.37 10.49 7.67
CA LEU A 115 -3.80 10.87 9.00
C LEU A 115 -3.02 12.08 9.52
N TYR A 116 -1.69 12.03 9.40
CA TYR A 116 -0.91 13.11 10.00
C TYR A 116 -0.83 14.35 9.13
N ALA A 117 -1.34 14.29 7.90
CA ALA A 117 -1.51 15.50 7.10
C ALA A 117 -2.71 16.33 7.55
N GLN A 118 -3.60 15.76 8.36
CA GLN A 118 -4.80 16.45 8.79
C GLN A 118 -4.48 17.43 9.92
N LYS A 119 -5.35 18.43 10.07
CA LYS A 119 -5.16 19.43 11.11
C LYS A 119 -5.22 18.81 12.50
N ASP A 120 -6.20 17.94 12.74
CA ASP A 120 -6.44 17.35 14.05
C ASP A 120 -6.60 15.84 13.90
N PRO A 121 -5.56 15.07 14.19
CA PRO A 121 -5.66 13.60 14.07
C PRO A 121 -6.71 12.97 14.98
N THR A 122 -7.23 13.69 15.97
CA THR A 122 -8.28 13.14 16.81
C THR A 122 -9.67 13.28 16.21
N ASP A 123 -9.79 13.93 15.05
CA ASP A 123 -11.05 14.08 14.35
C ASP A 123 -11.11 13.03 13.24
N TYR A 124 -12.11 12.14 13.31
CA TYR A 124 -12.13 11.00 12.39
C TYR A 124 -12.53 11.40 10.97
N GLU A 125 -13.48 12.31 10.82
CA GLU A 125 -14.11 12.53 9.52
C GLU A 125 -13.15 13.06 8.44
N PRO A 126 -12.35 14.11 8.67
CA PRO A 126 -11.47 14.59 7.58
C PRO A 126 -10.48 13.53 7.12
N PHE A 127 -9.83 12.86 8.07
CA PHE A 127 -8.93 11.76 7.77
C PHE A 127 -9.63 10.69 6.93
N GLN A 128 -10.82 10.26 7.35
CA GLN A 128 -11.48 9.17 6.65
C GLN A 128 -11.84 9.57 5.23
N GLU A 129 -12.38 10.78 5.06
CA GLU A 129 -12.75 11.25 3.72
CA GLU A 129 -12.74 11.24 3.72
C GLU A 129 -11.52 11.31 2.81
N ALA A 130 -10.41 11.86 3.32
CA ALA A 130 -9.20 11.96 2.51
C ALA A 130 -8.66 10.58 2.15
N LEU A 131 -8.65 9.65 3.10
CA LEU A 131 -8.12 8.32 2.80
C LEU A 131 -9.00 7.60 1.79
N ILE A 132 -10.32 7.73 1.93
CA ILE A 132 -11.20 7.11 0.94
C ILE A 132 -10.99 7.73 -0.43
N GLU A 133 -10.72 9.04 -0.49
CA GLU A 133 -10.43 9.66 -1.78
CA GLU A 133 -10.43 9.65 -1.79
C GLU A 133 -9.18 9.05 -2.41
N GLU A 134 -8.11 8.90 -1.61
CA GLU A 134 -6.89 8.28 -2.13
C GLU A 134 -7.19 6.88 -2.66
N ILE A 135 -7.95 6.09 -1.90
CA ILE A 135 -8.22 4.71 -2.27
C ILE A 135 -9.07 4.64 -3.54
N GLU A 136 -10.08 5.50 -3.65
CA GLU A 136 -10.91 5.50 -4.86
C GLU A 136 -10.12 5.95 -6.07
N ALA A 137 -9.21 6.92 -5.90
CA ALA A 137 -8.36 7.34 -7.03
C ALA A 137 -7.48 6.18 -7.47
N LEU A 138 -6.94 5.41 -6.52
CA LEU A 138 -6.14 4.24 -6.87
C LEU A 138 -6.97 3.18 -7.59
N LYS A 139 -8.18 2.91 -7.07
CA LYS A 139 -9.06 1.96 -7.74
C LYS A 139 -9.30 2.37 -9.18
N LYS A 140 -9.58 3.66 -9.40
CA LYS A 140 -9.85 4.13 -10.74
C LYS A 140 -8.63 3.97 -11.64
N LEU A 141 -7.45 4.33 -11.13
CA LEU A 141 -6.23 4.20 -11.93
C LEU A 141 -5.93 2.75 -12.28
N ILE A 142 -6.09 1.85 -11.30
CA ILE A 142 -5.83 0.44 -11.55
C ILE A 142 -6.83 -0.13 -12.55
N ARG A 143 -8.08 0.34 -12.49
CA ARG A 143 -9.07 -0.10 -13.48
C ARG A 143 -8.63 0.25 -14.89
N GLN A 144 -8.02 1.42 -15.07
CA GLN A 144 -7.55 1.90 -16.37
C GLN A 144 -6.15 1.43 -16.72
N SER A 145 -5.47 0.73 -15.81
CA SER A 145 -4.04 0.49 -15.97
C SER A 145 -3.78 -0.58 -17.04
N PRO A 146 -2.81 -0.36 -17.92
CA PRO A 146 -2.46 -1.40 -18.90
C PRO A 146 -1.67 -2.56 -18.33
N VAL A 147 -1.24 -2.48 -17.07
CA VAL A 147 -0.40 -3.50 -16.46
C VAL A 147 -0.98 -3.87 -15.09
N PRO A 148 -0.71 -5.07 -14.58
CA PRO A 148 -1.30 -5.46 -13.30
C PRO A 148 -0.58 -4.82 -12.12
N TRP A 149 -1.29 -4.82 -10.98
CA TRP A 149 -0.81 -4.25 -9.73
C TRP A 149 -0.90 -5.29 -8.62
N VAL A 150 0.07 -5.24 -7.70
CA VAL A 150 -0.07 -5.89 -6.41
C VAL A 150 0.14 -4.83 -5.34
N LEU A 151 -0.74 -4.80 -4.34
CA LEU A 151 -0.70 -3.80 -3.29
C LEU A 151 -0.46 -4.49 -1.96
N VAL A 152 0.40 -3.90 -1.13
CA VAL A 152 0.71 -4.45 0.19
C VAL A 152 0.01 -3.59 1.24
N SER A 153 -0.64 -4.24 2.20
CA SER A 153 -1.27 -3.52 3.29
C SER A 153 -1.15 -4.36 4.56
N SER A 154 -1.54 -3.78 5.68
CA SER A 154 -1.40 -4.41 6.98
C SER A 154 -2.77 -4.73 7.57
N GLU A 155 -2.82 -5.82 8.33
CA GLU A 155 -3.94 -6.05 9.25
C GLU A 155 -3.54 -5.50 10.61
N THR A 156 -4.33 -4.58 11.14
CA THR A 156 -4.05 -3.99 12.45
C THR A 156 -5.22 -4.07 13.40
N GLY A 157 -6.32 -4.71 13.01
CA GLY A 157 -7.57 -4.67 13.74
C GLY A 157 -7.85 -5.84 14.64
N MET A 158 -6.90 -6.76 14.82
CA MET A 158 -7.13 -7.99 15.56
C MET A 158 -6.43 -8.00 16.90
N GLY A 159 -6.08 -6.83 17.43
CA GLY A 159 -5.65 -6.73 18.81
C GLY A 159 -6.60 -5.89 19.64
N ILE A 160 -6.08 -5.16 20.61
CA ILE A 160 -6.86 -4.21 21.41
C ILE A 160 -6.10 -2.89 21.35
N SER A 161 -6.56 -1.97 20.51
CA SER A 161 -5.99 -0.62 20.41
CA SER A 161 -5.98 -0.63 20.43
C SER A 161 -7.13 0.37 20.58
N GLN A 162 -7.53 0.58 21.83
CA GLN A 162 -8.64 1.48 22.17
C GLN A 162 -8.18 2.63 23.06
N SER A 163 -6.88 2.89 23.13
CA SER A 163 -6.34 3.80 24.13
C SER A 163 -6.58 5.26 23.76
N ASP A 164 -6.14 5.69 22.57
CA ASP A 164 -6.32 7.08 22.17
C ASP A 164 -7.09 7.17 20.87
N ALA A 165 -7.69 8.34 20.66
CA ALA A 165 -8.58 8.52 19.53
C ALA A 165 -7.85 8.40 18.20
N GLU A 166 -6.62 8.88 18.13
CA GLU A 166 -5.87 8.84 16.88
C GLU A 166 -5.60 7.41 16.44
N THR A 167 -5.26 6.53 17.40
CA THR A 167 -5.01 5.13 17.05
C THR A 167 -6.31 4.41 16.65
N ARG A 168 -7.41 4.67 17.37
CA ARG A 168 -8.69 4.07 16.99
C ARG A 168 -9.10 4.53 15.59
N HIS A 169 -8.93 5.81 15.30
CA HIS A 169 -9.30 6.34 13.99
C HIS A 169 -8.45 5.71 12.91
N TYR A 170 -7.13 5.62 13.13
CA TYR A 170 -6.26 4.96 12.17
C TYR A 170 -6.72 3.54 11.90
N CYS A 171 -7.02 2.78 12.96
CA CYS A 171 -7.42 1.40 12.76
C CYS A 171 -8.70 1.30 11.95
N ASP A 172 -9.68 2.16 12.25
CA ASP A 172 -10.92 2.17 11.48
C ASP A 172 -10.66 2.50 10.01
N GLY A 173 -9.90 3.57 9.78
CA GLY A 173 -9.68 4.03 8.41
C GLY A 173 -8.91 3.02 7.58
N LEU A 174 -7.86 2.45 8.15
CA LEU A 174 -7.11 1.41 7.43
C LEU A 174 -7.98 0.19 7.17
N GLY A 175 -8.83 -0.19 8.13
CA GLY A 175 -9.74 -1.29 7.88
C GLY A 175 -10.67 -1.01 6.70
N ILE A 176 -11.18 0.22 6.63
CA ILE A 176 -12.07 0.58 5.53
C ILE A 176 -11.32 0.57 4.21
N ALA A 177 -10.10 1.13 4.19
CA ALA A 177 -9.29 1.12 2.99
C ALA A 177 -9.06 -0.31 2.50
N ASN A 178 -8.72 -1.21 3.42
CA ASN A 178 -8.49 -2.59 3.05
C ASN A 178 -9.76 -3.24 2.52
N GLN A 179 -10.92 -2.92 3.10
CA GLN A 179 -12.17 -3.46 2.58
C GLN A 179 -12.39 -3.00 1.13
N LEU A 180 -12.20 -1.71 0.86
CA LEU A 180 -12.40 -1.20 -0.49
C LEU A 180 -11.46 -1.88 -1.49
N LEU A 181 -10.18 -1.97 -1.14
CA LEU A 181 -9.20 -2.59 -2.03
C LEU A 181 -9.51 -4.06 -2.23
N ALA A 182 -9.82 -4.80 -1.16
CA ALA A 182 -10.10 -6.22 -1.27
C ALA A 182 -11.33 -6.47 -2.13
N LYS A 183 -12.32 -5.57 -2.04
CA LYS A 183 -13.51 -5.72 -2.87
C LYS A 183 -13.17 -5.53 -4.35
N SER A 184 -12.31 -4.55 -4.66
CA SER A 184 -11.92 -4.35 -6.06
C SER A 184 -10.93 -5.39 -6.57
N ALA A 185 -10.11 -5.95 -5.69
CA ALA A 185 -9.01 -6.80 -6.13
C ALA A 185 -9.53 -8.10 -6.75
N ASP A 186 -8.78 -8.60 -7.73
CA ASP A 186 -9.10 -9.90 -8.29
C ASP A 186 -8.64 -11.02 -7.38
N GLU A 187 -7.50 -10.85 -6.70
CA GLU A 187 -7.03 -11.85 -5.77
C GLU A 187 -6.62 -11.17 -4.46
N VAL A 188 -6.88 -11.85 -3.34
CA VAL A 188 -6.54 -11.32 -2.02
C VAL A 188 -5.89 -12.44 -1.23
N TYR A 189 -4.73 -12.13 -0.63
CA TYR A 189 -3.99 -13.09 0.16
C TYR A 189 -3.77 -12.51 1.55
N PHE A 190 -3.88 -13.38 2.55
CA PHE A 190 -3.70 -13.03 3.95
C PHE A 190 -2.53 -13.85 4.46
N MET A 191 -1.46 -13.18 4.86
CA MET A 191 -0.21 -13.84 5.18
C MET A 191 -0.24 -14.27 6.65
N VAL A 192 0.16 -15.51 6.90
CA VAL A 192 0.34 -16.03 8.24
C VAL A 192 1.75 -16.61 8.30
N ALA A 193 2.63 -15.96 9.05
CA ALA A 193 4.00 -16.47 9.27
C ALA A 193 4.70 -16.75 7.94
N GLY A 194 4.55 -15.85 6.98
CA GLY A 194 5.19 -16.00 5.68
C GLY A 194 4.44 -16.86 4.68
N LEU A 195 3.34 -17.48 5.06
CA LEU A 195 2.63 -18.32 4.11
C LEU A 195 1.31 -17.68 3.72
N PRO A 196 0.91 -17.74 2.45
CA PRO A 196 -0.35 -17.10 2.06
C PRO A 196 -1.55 -18.00 2.29
N LEU A 197 -2.62 -17.39 2.80
CA LEU A 197 -3.96 -17.95 2.78
C LEU A 197 -4.74 -17.22 1.70
N THR A 198 -5.35 -17.98 0.79
CA THR A 198 -6.17 -17.39 -0.26
C THR A 198 -7.52 -16.95 0.32
N VAL A 199 -7.80 -15.65 0.25
CA VAL A 199 -9.05 -15.11 0.76
C VAL A 199 -10.02 -14.91 -0.40
N LYS A 200 -9.47 -14.69 -1.60
CA LYS A 200 -10.27 -14.37 -2.77
C LYS A 200 -9.46 -14.71 -4.01
N LYS A 201 -10.06 -15.45 -4.93
CA LYS A 201 -9.37 -15.77 -6.18
C LYS A 201 -10.43 -16.12 -7.22
N GLY A 202 -10.42 -15.42 -8.34
CA GLY A 202 -11.38 -15.65 -9.39
C GLY A 202 -11.29 -17.01 -10.04
#